data_3MU3
#
_entry.id   3MU3
#
_cell.length_a   39.465
_cell.length_b   78.150
_cell.length_c   101.236
_cell.angle_alpha   90.00
_cell.angle_beta   90.00
_cell.angle_gamma   90.00
#
_symmetry.space_group_name_H-M   'P 21 21 21'
#
loop_
_entity.id
_entity.type
_entity.pdbx_description
1 polymer 'Protein MD-1'
2 non-polymer 2-deoxy-3-O-[(3R)-3-hydroxytetradecanoyl]-2-{[(3R)-3-hydroxytetradecanoyl]amino}-4-O-phosphono-beta-D-glucopyranose
3 non-polymer '(R)-((2R,3S,4R,5R,6R)-3-HYDROXY-2-(HYDROXYMETHYL)-5-((R)-3-HYDROXYTETRADECANAMIDO)-6-(PHOSPHONOOXY)TETRAHYDRO-2H-PYRAN-4-YL) 3-HYDROXYTETRADECANOATE'
4 non-polymer GLYCEROL
5 water water
#
_entity_poly.entity_id   1
_entity_poly.type   'polypeptide(L)'
_entity_poly.pdbx_seq_one_letter_code
;ADPGEWPTHTVCKEENLEIYYKSCDPQQDFAFSIDRCSDVTTHTFDIRAAMVLRQSIKELYAKVDLIINGKTVLSYSETL
CGPGLSKLIFCGKKKGEHLYYEGPITLGIKEIPQRDYTITARLTNEDRATVACADFTVKNYLDYSASLVPR
;
_entity_poly.pdbx_strand_id   A,B
#
loop_
_chem_comp.id
_chem_comp.type
_chem_comp.name
_chem_comp.formula
GOL non-polymer GLYCEROL 'C3 H8 O3'
LP4 non-polymer 2-deoxy-3-O-[(3R)-3-hydroxytetradecanoyl]-2-{[(3R)-3-hydroxytetradecanoyl]amino}-4-O-phosphono-beta-D-glucopyranose 'C34 H66 N O12 P'
LP5 non-polymer '(R)-((2R,3S,4R,5R,6R)-3-HYDROXY-2-(HYDROXYMETHYL)-5-((R)-3-HYDROXYTETRADECANAMIDO)-6-(PHOSPHONOOXY)TETRAHYDRO-2H-PYRAN-4-YL) 3-HYDROXYTETRADECANOATE' 'C34 H66 N O12 P'
#
# COMPACT_ATOMS: atom_id res chain seq x y z
N GLU A 5 -26.75 1.44 10.95
CA GLU A 5 -26.51 0.77 12.25
C GLU A 5 -25.03 0.43 12.51
N TRP A 6 -24.08 0.83 11.66
CA TRP A 6 -22.63 0.70 12.01
C TRP A 6 -22.29 1.69 13.13
N PRO A 7 -21.40 1.32 14.05
CA PRO A 7 -21.04 2.31 15.09
C PRO A 7 -20.31 3.52 14.54
N THR A 8 -20.50 4.68 15.16
CA THR A 8 -19.72 5.88 14.87
C THR A 8 -18.38 5.86 15.64
N HIS A 9 -17.30 6.03 14.90
CA HIS A 9 -15.95 5.93 15.40
C HIS A 9 -15.38 7.35 15.62
N THR A 10 -14.67 7.55 16.72
CA THR A 10 -14.00 8.81 17.01
C THR A 10 -12.59 8.72 16.44
N VAL A 11 -12.31 9.53 15.42
CA VAL A 11 -10.93 9.76 14.93
C VAL A 11 -10.23 10.84 15.77
N CYS A 12 -10.94 11.95 16.03
CA CYS A 12 -10.40 13.04 16.84
C CYS A 12 -11.45 13.61 17.75
N LYS A 13 -11.03 13.93 18.98
CA LYS A 13 -11.78 14.76 19.89
C LYS A 13 -10.82 15.59 20.79
N GLU A 14 -10.47 16.76 20.25
CA GLU A 14 -9.51 17.70 20.84
C GLU A 14 -10.34 18.95 21.15
N GLU A 15 -9.66 19.93 21.70
CA GLU A 15 -10.32 21.12 22.23
C GLU A 15 -11.17 21.81 21.15
N ASN A 16 -10.56 22.04 19.99
CA ASN A 16 -11.25 22.75 18.94
C ASN A 16 -11.38 21.88 17.69
N LEU A 17 -11.34 20.57 17.88
CA LEU A 17 -11.36 19.66 16.73
C LEU A 17 -12.05 18.33 17.11
N GLU A 18 -13.17 18.05 16.44
CA GLU A 18 -13.74 16.73 16.47
C GLU A 18 -13.86 16.19 15.04
N ILE A 19 -13.40 14.95 14.85
CA ILE A 19 -13.72 14.17 13.65
C ILE A 19 -14.27 12.78 13.98
N TYR A 20 -15.40 12.44 13.36
CA TYR A 20 -16.03 11.13 13.55
C TYR A 20 -16.28 10.54 12.17
N TYR A 21 -16.23 9.23 12.04
CA TYR A 21 -16.81 8.62 10.84
C TYR A 21 -17.79 7.53 11.18
N LYS A 22 -18.64 7.22 10.21
CA LYS A 22 -19.48 6.00 10.19
C LYS A 22 -19.42 5.38 8.77
N SER A 23 -19.17 4.09 8.65
CA SER A 23 -19.29 3.39 7.35
C SER A 23 -20.72 3.45 6.85
N CYS A 24 -20.92 3.98 5.65
CA CYS A 24 -22.20 3.86 4.92
C CYS A 24 -22.17 2.74 3.90
N ASP A 25 -21.18 1.85 3.95
CA ASP A 25 -21.23 0.58 3.23
C ASP A 25 -21.92 -0.46 4.15
N PRO A 26 -23.13 -0.94 3.80
CA PRO A 26 -23.88 -1.85 4.64
C PRO A 26 -23.18 -3.18 4.88
N GLN A 27 -22.31 -3.57 3.95
CA GLN A 27 -21.55 -4.80 4.06
C GLN A 27 -20.59 -4.85 5.22
N GLN A 28 -19.92 -3.74 5.53
CA GLN A 28 -18.84 -3.75 6.54
C GLN A 28 -18.47 -2.39 7.17
N ASP A 29 -17.87 -2.47 8.35
CA ASP A 29 -17.15 -1.35 8.92
C ASP A 29 -15.74 -1.36 8.35
N PHE A 30 -14.98 -0.32 8.64
CA PHE A 30 -13.55 -0.28 8.39
C PHE A 30 -12.83 0.49 9.49
N ALA A 31 -11.51 0.41 9.52
CA ALA A 31 -10.73 1.04 10.59
C ALA A 31 -9.97 2.22 10.05
N PHE A 32 -10.03 3.36 10.72
CA PHE A 32 -9.38 4.58 10.22
C PHE A 32 -8.84 5.39 11.38
N SER A 33 -7.72 6.07 11.20
CA SER A 33 -7.12 6.83 12.28
C SER A 33 -6.18 7.84 11.71
N ILE A 34 -5.94 8.94 12.43
CA ILE A 34 -5.04 10.01 11.97
C ILE A 34 -3.96 10.11 13.02
N ASP A 35 -2.71 10.04 12.61
CA ASP A 35 -1.60 10.02 13.59
C ASP A 35 -1.53 11.29 14.41
N ARG A 36 -1.72 12.44 13.76
CA ARG A 36 -1.80 13.71 14.46
C ARG A 36 -3.00 14.52 13.98
N CYS A 37 -4.02 14.65 14.82
CA CYS A 37 -5.27 15.25 14.39
C CYS A 37 -5.14 16.64 13.77
N SER A 38 -4.26 17.45 14.31
CA SER A 38 -4.20 18.83 13.97
C SER A 38 -3.53 19.01 12.59
N ASP A 39 -2.90 17.96 12.07
CA ASP A 39 -2.40 17.99 10.69
C ASP A 39 -3.47 18.02 9.63
N VAL A 40 -4.73 17.78 9.96
CA VAL A 40 -5.81 18.02 9.01
C VAL A 40 -5.97 19.48 8.59
N THR A 41 -5.27 20.40 9.25
CA THR A 41 -5.36 21.80 8.90
C THR A 41 -4.14 22.25 8.11
N THR A 42 -3.33 21.28 7.74
CA THR A 42 -2.28 21.49 6.78
C THR A 42 -2.67 20.79 5.48
N HIS A 43 -1.72 20.83 4.53
CA HIS A 43 -1.96 20.26 3.22
C HIS A 43 -1.61 18.77 3.13
N THR A 44 -1.12 18.19 4.25
CA THR A 44 -0.88 16.74 4.34
C THR A 44 -0.97 16.22 5.79
N PHE A 45 -1.66 15.09 5.96
CA PHE A 45 -1.71 14.38 7.22
C PHE A 45 -1.58 12.88 6.97
N ASP A 46 -1.12 12.16 8.00
CA ASP A 46 -0.72 10.74 7.88
C ASP A 46 -1.82 9.93 8.49
N ILE A 47 -2.30 8.92 7.74
CA ILE A 47 -3.44 8.12 8.14
C ILE A 47 -3.07 6.64 8.24
N ARG A 48 -3.96 5.90 8.95
CA ARG A 48 -3.92 4.43 8.99
C ARG A 48 -5.33 3.98 8.72
N ALA A 49 -5.48 3.03 7.81
CA ALA A 49 -6.76 2.51 7.45
C ALA A 49 -6.64 1.04 7.15
N ALA A 50 -7.65 0.26 7.55
CA ALA A 50 -7.75 -1.17 7.27
C ALA A 50 -9.20 -1.56 6.94
N MET A 51 -9.39 -2.37 5.92
CA MET A 51 -10.68 -2.98 5.63
C MET A 51 -10.50 -4.22 4.80
N VAL A 52 -11.58 -4.97 4.69
CA VAL A 52 -11.67 -6.15 3.83
C VAL A 52 -12.27 -5.65 2.52
N LEU A 53 -11.58 -5.87 1.41
CA LEU A 53 -12.17 -5.69 0.08
C LEU A 53 -13.18 -6.77 -0.25
N ARG A 54 -14.44 -6.39 -0.31
CA ARG A 54 -15.51 -7.23 -0.86
C ARG A 54 -15.50 -7.30 -2.38
N GLN A 55 -14.98 -6.25 -3.02
CA GLN A 55 -14.89 -6.13 -4.47
C GLN A 55 -13.42 -6.06 -4.84
N SER A 56 -13.10 -6.41 -6.09
CA SER A 56 -11.80 -6.11 -6.67
C SER A 56 -11.60 -4.60 -6.80
N ILE A 57 -10.33 -4.20 -6.77
CA ILE A 57 -9.91 -2.82 -7.09
C ILE A 57 -8.86 -2.75 -8.22
N LYS A 58 -9.11 -3.54 -9.27
CA LYS A 58 -8.56 -3.30 -10.60
C LYS A 58 -8.69 -1.82 -10.89
N GLU A 59 -9.92 -1.31 -10.80
CA GLU A 59 -10.15 0.13 -10.92
C GLU A 59 -10.75 0.67 -9.62
N LEU A 60 -10.41 1.92 -9.28
CA LEU A 60 -10.89 2.54 -8.05
C LEU A 60 -11.11 4.03 -8.26
N TYR A 61 -12.31 4.48 -7.91
CA TYR A 61 -12.73 5.89 -8.03
C TYR A 61 -13.26 6.39 -6.69
N ALA A 62 -12.79 7.54 -6.24
CA ALA A 62 -13.31 8.20 -5.07
C ALA A 62 -14.29 9.18 -5.59
N LYS A 63 -15.47 9.23 -4.97
CA LYS A 63 -16.36 10.42 -4.96
C LYS A 63 -16.47 11.08 -3.58
N VAL A 64 -16.14 12.36 -3.49
CA VAL A 64 -16.11 13.07 -2.22
C VAL A 64 -17.15 14.18 -2.26
N ASP A 65 -18.19 14.10 -1.43
CA ASP A 65 -19.14 15.19 -1.32
C ASP A 65 -18.92 15.89 0.03
N LEU A 66 -19.10 17.22 0.04
CA LEU A 66 -19.12 18.04 1.27
C LEU A 66 -20.53 18.59 1.50
N ILE A 67 -21.08 18.37 2.69
CA ILE A 67 -22.43 18.75 2.99
C ILE A 67 -22.37 19.72 4.17
N ILE A 68 -22.99 20.88 4.01
CA ILE A 68 -23.03 21.95 5.00
C ILE A 68 -24.47 22.34 5.18
N ASN A 69 -24.92 22.42 6.44
CA ASN A 69 -26.33 22.79 6.74
C ASN A 69 -27.35 21.87 5.98
N GLY A 70 -26.98 20.60 5.77
CA GLY A 70 -27.84 19.62 5.09
C GLY A 70 -27.78 19.63 3.56
N LYS A 71 -27.04 20.61 3.01
CA LYS A 71 -26.94 20.86 1.55
C LYS A 71 -25.57 20.44 0.98
N THR A 72 -25.60 19.69 -0.11
CA THR A 72 -24.36 19.22 -0.76
C THR A 72 -23.87 20.41 -1.52
N VAL A 73 -22.86 21.08 -1.00
CA VAL A 73 -22.28 22.26 -1.65
C VAL A 73 -21.11 21.96 -2.59
N LEU A 74 -20.44 20.81 -2.44
CA LEU A 74 -19.31 20.47 -3.32
C LEU A 74 -19.34 18.98 -3.63
N SER A 75 -19.10 18.64 -4.89
CA SER A 75 -18.86 17.27 -5.26
C SER A 75 -17.64 17.07 -6.12
N TYR A 76 -16.83 16.09 -5.77
CA TYR A 76 -15.49 15.93 -6.39
C TYR A 76 -15.26 14.44 -6.68
N SER A 77 -14.75 14.16 -7.88
CA SER A 77 -14.44 12.81 -8.31
C SER A 77 -13.01 12.64 -8.80
N GLU A 78 -12.34 11.62 -8.28
CA GLU A 78 -10.95 11.29 -8.66
C GLU A 78 -10.82 9.82 -8.96
N THR A 79 -10.07 9.46 -10.00
CA THR A 79 -9.62 8.07 -10.24
C THR A 79 -8.37 7.84 -9.40
N LEU A 80 -8.40 6.73 -8.64
CA LEU A 80 -7.27 6.31 -7.79
C LEU A 80 -6.55 5.06 -8.35
N CYS A 81 -7.29 4.12 -8.97
CA CYS A 81 -6.68 3.12 -9.86
C CYS A 81 -7.39 2.93 -11.17
N GLY A 82 -6.62 2.48 -12.16
CA GLY A 82 -7.02 2.59 -13.53
C GLY A 82 -5.88 2.40 -14.47
N PRO A 83 -6.20 2.22 -15.77
CA PRO A 83 -5.16 2.16 -16.81
C PRO A 83 -4.43 3.49 -16.98
N GLY A 84 -3.16 3.52 -16.62
CA GLY A 84 -2.37 4.76 -16.65
C GLY A 84 -2.66 5.80 -15.58
N LEU A 85 -3.50 5.50 -14.58
CA LEU A 85 -3.91 6.55 -13.66
C LEU A 85 -3.87 6.07 -12.25
N SER A 86 -2.90 5.19 -11.94
CA SER A 86 -2.88 4.49 -10.63
C SER A 86 -2.02 5.19 -9.54
N LYS A 87 -2.57 5.28 -8.33
CA LYS A 87 -2.16 6.26 -7.30
C LYS A 87 -1.95 5.60 -5.92
N LEU A 88 -1.93 4.27 -5.87
CA LEU A 88 -1.99 3.52 -4.63
C LEU A 88 -1.33 2.18 -4.89
N ILE A 89 -0.32 1.83 -4.11
CA ILE A 89 0.46 0.66 -4.42
C ILE A 89 -0.41 -0.60 -4.38
N PHE A 90 -1.52 -0.50 -3.64
CA PHE A 90 -2.46 -1.59 -3.42
C PHE A 90 -3.67 -1.61 -4.40
N CYS A 91 -3.66 -0.74 -5.42
CA CYS A 91 -4.32 -1.03 -6.69
C CYS A 91 -3.97 -2.43 -7.23
N GLY A 92 -4.96 -3.07 -7.88
CA GLY A 92 -4.83 -4.44 -8.31
C GLY A 92 -5.31 -5.51 -7.34
N LYS A 93 -5.38 -5.21 -6.04
CA LYS A 93 -5.90 -6.18 -5.05
C LYS A 93 -7.20 -6.78 -5.50
N LYS A 94 -7.23 -8.11 -5.45
CA LYS A 94 -8.38 -8.91 -5.81
C LYS A 94 -9.44 -8.84 -4.68
N LYS A 95 -10.62 -9.34 -5.01
CA LYS A 95 -11.72 -9.56 -4.06
C LYS A 95 -11.32 -10.45 -2.88
N GLY A 96 -11.65 -10.01 -1.68
CA GLY A 96 -11.29 -10.74 -0.47
C GLY A 96 -9.96 -10.40 0.21
N GLU A 97 -9.17 -9.51 -0.36
CA GLU A 97 -7.94 -9.13 0.31
C GLU A 97 -8.17 -8.13 1.43
N HIS A 98 -7.34 -8.23 2.45
CA HIS A 98 -7.33 -7.29 3.54
C HIS A 98 -6.43 -6.11 3.17
N LEU A 99 -7.08 -5.04 2.69
CA LEU A 99 -6.41 -3.74 2.41
C LEU A 99 -5.82 -3.14 3.67
N TYR A 100 -4.62 -2.58 3.55
CA TYR A 100 -4.00 -1.72 4.55
C TYR A 100 -3.29 -0.53 3.91
N TYR A 101 -3.47 0.60 4.57
CA TYR A 101 -2.78 1.82 4.20
C TYR A 101 -2.29 2.52 5.48
N GLU A 102 -1.02 2.88 5.50
CA GLU A 102 -0.57 3.92 6.38
C GLU A 102 0.43 4.81 5.70
N GLY A 103 0.14 6.10 5.69
CA GLY A 103 0.66 7.01 4.69
C GLY A 103 -0.09 8.33 4.73
N PRO A 104 0.40 9.33 3.99
CA PRO A 104 -0.25 10.62 3.96
C PRO A 104 -1.40 10.65 2.99
N ILE A 105 -2.50 11.26 3.38
CA ILE A 105 -3.27 12.04 2.45
C ILE A 105 -2.56 13.38 2.17
N THR A 106 -2.05 13.55 0.95
CA THR A 106 -1.76 14.89 0.44
C THR A 106 -3.02 15.58 -0.12
N LEU A 107 -2.85 16.74 -0.75
CA LEU A 107 -3.91 17.72 -0.81
C LEU A 107 -3.47 18.94 -1.67
N GLY A 108 -4.06 19.03 -2.88
CA GLY A 108 -4.16 20.28 -3.63
C GLY A 108 -4.86 21.42 -2.90
N ILE A 109 -5.89 21.11 -2.12
CA ILE A 109 -6.38 22.02 -1.04
C ILE A 109 -5.32 22.10 0.07
N LYS A 110 -5.07 23.33 0.57
CA LYS A 110 -4.04 23.59 1.62
C LYS A 110 -4.50 23.25 3.05
N GLU A 111 -5.78 22.84 3.17
CA GLU A 111 -6.39 22.52 4.46
C GLU A 111 -7.84 22.12 4.17
N ILE A 112 -8.34 21.16 4.95
CA ILE A 112 -9.78 20.86 4.96
C ILE A 112 -10.57 22.09 5.48
N PRO A 113 -11.84 22.22 5.07
CA PRO A 113 -12.61 23.36 5.52
C PRO A 113 -12.70 23.55 7.05
N GLN A 114 -13.11 24.76 7.42
CA GLN A 114 -13.34 25.13 8.82
C GLN A 114 -14.80 24.88 9.26
N ARG A 115 -14.98 24.66 10.57
CA ARG A 115 -16.29 24.63 11.25
C ARG A 115 -16.97 23.28 11.07
N ASP A 116 -18.28 23.25 10.81
CA ASP A 116 -19.13 22.08 11.03
C ASP A 116 -19.62 21.62 9.70
N TYR A 117 -19.23 20.42 9.29
CA TYR A 117 -19.74 19.83 8.06
C TYR A 117 -19.59 18.30 8.05
N THR A 118 -20.24 17.68 7.08
CA THR A 118 -20.03 16.26 6.76
C THR A 118 -19.35 16.01 5.39
N ILE A 119 -18.38 15.10 5.36
CA ILE A 119 -17.79 14.68 4.11
C ILE A 119 -18.21 13.26 3.94
N THR A 120 -19.02 13.00 2.90
CA THR A 120 -19.23 11.64 2.37
C THR A 120 -18.16 11.26 1.33
N ALA A 121 -17.44 10.16 1.61
CA ALA A 121 -16.34 9.68 0.77
C ALA A 121 -16.70 8.29 0.36
N ARG A 122 -17.06 8.13 -0.90
CA ARG A 122 -17.44 6.83 -1.42
C ARG A 122 -16.42 6.34 -2.43
N LEU A 123 -15.82 5.18 -2.15
CA LEU A 123 -14.99 4.49 -3.15
C LEU A 123 -15.82 3.44 -3.94
N THR A 124 -15.66 3.41 -5.26
CA THR A 124 -16.30 2.39 -6.13
C THR A 124 -15.29 1.77 -7.11
N ASN A 125 -15.66 0.75 -7.88
CA ASN A 125 -14.64 0.04 -8.68
C ASN A 125 -14.96 -0.01 -10.17
N GLU A 126 -14.26 -0.86 -10.92
CA GLU A 126 -14.55 -1.08 -12.35
C GLU A 126 -16.03 -1.25 -12.67
N ASP A 127 -16.78 -1.91 -11.80
CA ASP A 127 -18.19 -2.14 -12.02
C ASP A 127 -19.11 -1.16 -11.31
N ARG A 128 -18.60 -0.08 -10.76
CA ARG A 128 -19.46 0.89 -10.04
C ARG A 128 -19.93 0.37 -8.69
N ALA A 129 -19.44 -0.80 -8.29
CA ALA A 129 -19.78 -1.41 -7.00
C ALA A 129 -19.10 -0.62 -5.89
N THR A 130 -19.76 -0.56 -4.75
CA THR A 130 -19.23 0.17 -3.59
C THR A 130 -18.17 -0.68 -2.87
N VAL A 131 -16.94 -0.16 -2.83
CA VAL A 131 -15.84 -0.80 -2.13
C VAL A 131 -15.83 -0.32 -0.67
N ALA A 132 -15.97 1.00 -0.47
CA ALA A 132 -16.01 1.61 0.88
C ALA A 132 -16.73 2.92 0.75
N CYS A 133 -17.36 3.32 1.84
CA CYS A 133 -18.17 4.54 1.93
C CYS A 133 -18.10 5.03 3.41
N ALA A 134 -17.67 6.26 3.63
CA ALA A 134 -17.68 6.88 4.97
C ALA A 134 -18.50 8.19 4.91
N ASP A 135 -19.34 8.43 5.94
CA ASP A 135 -19.77 9.80 6.37
C ASP A 135 -18.81 10.23 7.43
N PHE A 136 -17.92 11.19 7.14
CA PHE A 136 -17.12 11.86 8.20
C PHE A 136 -17.82 13.11 8.72
N THR A 137 -17.86 13.28 10.07
CA THR A 137 -18.42 14.47 10.73
C THR A 137 -17.30 15.32 11.20
N VAL A 138 -17.18 16.51 10.64
CA VAL A 138 -16.11 17.42 11.03
C VAL A 138 -16.63 18.62 11.83
N LYS A 139 -15.98 18.87 12.97
CA LYS A 139 -16.06 20.17 13.64
C LYS A 139 -14.63 20.70 13.83
N ASN A 140 -14.24 21.64 12.96
CA ASN A 140 -12.90 22.17 12.89
C ASN A 140 -12.88 23.65 13.25
N TYR A 141 -12.44 23.96 14.47
CA TYR A 141 -12.18 25.32 14.92
C TYR A 141 -10.71 25.51 15.25
N LEU A 142 -9.81 24.78 14.61
CA LEU A 142 -8.40 24.85 14.97
C LEU A 142 -7.76 26.13 14.42
N ASP A 143 -7.95 26.40 13.13
CA ASP A 143 -7.28 27.56 12.49
C ASP A 143 -7.72 28.87 13.17
N TYR A 144 -8.82 28.78 13.93
CA TYR A 144 -9.09 29.64 15.07
C TYR A 144 -8.28 29.32 16.33
N GLU B 5 15.50 2.31 10.41
CA GLU B 5 14.45 3.33 10.68
C GLU B 5 13.44 3.51 9.52
N TRP B 6 13.52 2.75 8.42
CA TRP B 6 12.42 2.77 7.40
C TRP B 6 11.20 2.08 8.00
N PRO B 7 9.99 2.60 7.76
CA PRO B 7 8.77 1.92 8.30
C PRO B 7 8.60 0.48 7.81
N THR B 8 8.02 -0.37 8.64
CA THR B 8 7.65 -1.71 8.21
C THR B 8 6.24 -1.71 7.52
N HIS B 9 6.17 -2.29 6.34
CA HIS B 9 4.98 -2.16 5.52
C HIS B 9 4.27 -3.51 5.57
N THR B 10 2.95 -3.46 5.69
CA THR B 10 2.13 -4.65 5.65
C THR B 10 1.79 -4.93 4.19
N VAL B 11 2.38 -5.99 3.62
CA VAL B 11 1.93 -6.60 2.34
C VAL B 11 0.68 -7.47 2.55
N CYS B 12 0.73 -8.36 3.56
CA CYS B 12 -0.41 -9.25 3.89
C CYS B 12 -0.63 -9.31 5.41
N LYS B 13 -1.90 -9.37 5.80
CA LYS B 13 -2.32 -9.75 7.13
C LYS B 13 -3.73 -10.41 7.05
N GLU B 14 -3.70 -11.73 6.95
CA GLU B 14 -4.89 -12.57 6.73
C GLU B 14 -4.91 -13.49 7.96
N GLU B 15 -5.92 -14.34 8.01
CA GLU B 15 -6.12 -15.25 9.15
C GLU B 15 -4.88 -16.09 9.47
N ASN B 16 -4.34 -16.72 8.43
CA ASN B 16 -3.23 -17.61 8.64
C ASN B 16 -1.98 -17.20 7.85
N LEU B 17 -1.92 -15.93 7.47
CA LEU B 17 -0.86 -15.41 6.62
C LEU B 17 -0.56 -13.95 6.99
N GLU B 18 0.69 -13.69 7.39
CA GLU B 18 1.20 -12.34 7.48
C GLU B 18 2.47 -12.24 6.69
N ILE B 19 2.54 -11.21 5.84
CA ILE B 19 3.80 -10.75 5.24
C ILE B 19 4.07 -9.27 5.45
N TYR B 20 5.29 -8.98 5.91
CA TYR B 20 5.73 -7.61 6.16
C TYR B 20 7.05 -7.45 5.45
N TYR B 21 7.34 -6.25 4.95
CA TYR B 21 8.70 -5.91 4.61
C TYR B 21 9.20 -4.62 5.24
N LYS B 22 10.52 -4.48 5.26
CA LYS B 22 11.22 -3.23 5.58
C LYS B 22 12.40 -3.11 4.60
N SER B 23 12.54 -1.96 3.96
CA SER B 23 13.76 -1.69 3.19
C SER B 23 14.99 -1.63 4.09
N CYS B 24 16.00 -2.42 3.78
CA CYS B 24 17.34 -2.33 4.38
C CYS B 24 18.32 -1.58 3.48
N ASP B 25 17.84 -0.81 2.51
CA ASP B 25 18.70 0.14 1.79
C ASP B 25 18.56 1.49 2.47
N PRO B 26 19.62 1.95 3.17
CA PRO B 26 19.50 3.18 3.94
C PRO B 26 19.12 4.41 3.12
N GLN B 27 19.38 4.38 1.80
CA GLN B 27 19.06 5.49 0.90
C GLN B 27 17.57 5.70 0.78
N GLN B 28 16.80 4.60 0.68
CA GLN B 28 15.39 4.71 0.33
C GLN B 28 14.48 3.56 0.75
N ASP B 29 13.20 3.89 0.83
CA ASP B 29 12.09 2.90 0.88
C ASP B 29 11.62 2.60 -0.56
N PHE B 30 10.76 1.60 -0.69
CA PHE B 30 10.15 1.24 -1.97
C PHE B 30 8.76 0.70 -1.74
N ALA B 31 8.01 0.57 -2.82
CA ALA B 31 6.60 0.21 -2.74
C ALA B 31 6.44 -1.20 -3.24
N PHE B 32 5.73 -2.05 -2.50
CA PHE B 32 5.54 -3.47 -2.91
C PHE B 32 4.17 -3.98 -2.47
N SER B 33 3.58 -4.87 -3.22
CA SER B 33 2.24 -5.32 -2.93
C SER B 33 1.97 -6.57 -3.72
N ILE B 34 1.09 -7.43 -3.19
CA ILE B 34 0.79 -8.71 -3.83
C ILE B 34 -0.68 -8.63 -4.07
N ASP B 35 -1.11 -8.93 -5.28
CA ASP B 35 -2.52 -8.77 -5.63
C ASP B 35 -3.39 -9.75 -4.88
N ARG B 36 -2.93 -11.00 -4.77
CA ARG B 36 -3.61 -12.00 -3.97
C ARG B 36 -2.66 -12.71 -3.03
N CYS B 37 -2.82 -12.47 -1.73
CA CYS B 37 -1.86 -12.89 -0.78
C CYS B 37 -1.62 -14.37 -0.72
N SER B 38 -2.70 -15.13 -0.88
CA SER B 38 -2.66 -16.56 -0.72
C SER B 38 -2.02 -17.22 -1.95
N ASP B 39 -1.82 -16.48 -3.05
CA ASP B 39 -1.05 -17.05 -4.18
C ASP B 39 0.45 -17.32 -3.89
N VAL B 40 1.02 -16.69 -2.86
CA VAL B 40 2.37 -17.06 -2.37
C VAL B 40 2.58 -18.53 -1.98
N THR B 41 1.50 -19.27 -1.77
CA THR B 41 1.59 -20.68 -1.49
C THR B 41 1.42 -21.53 -2.76
N THR B 42 1.39 -20.85 -3.91
CA THR B 42 1.45 -21.51 -5.19
C THR B 42 2.79 -21.20 -5.78
N HIS B 43 2.99 -21.72 -6.99
CA HIS B 43 4.25 -21.56 -7.69
C HIS B 43 4.37 -20.23 -8.45
N THR B 44 3.32 -19.40 -8.42
CA THR B 44 3.36 -18.07 -9.01
C THR B 44 2.33 -17.13 -8.38
N PHE B 45 2.75 -15.89 -8.13
CA PHE B 45 1.87 -14.83 -7.63
C PHE B 45 2.26 -13.50 -8.27
N ASP B 46 1.29 -12.59 -8.36
CA ASP B 46 1.44 -11.35 -9.11
C ASP B 46 1.74 -10.24 -8.15
N ILE B 47 2.77 -9.45 -8.44
CA ILE B 47 3.23 -8.38 -7.57
C ILE B 47 3.21 -7.02 -8.27
N ARG B 48 3.26 -5.96 -7.46
CA ARG B 48 3.43 -4.60 -7.96
C ARG B 48 4.52 -4.03 -7.11
N ALA B 49 5.44 -3.33 -7.74
CA ALA B 49 6.56 -2.73 -7.06
C ALA B 49 6.98 -1.49 -7.82
N ALA B 50 7.37 -0.45 -7.08
CA ALA B 50 7.90 0.83 -7.56
C ALA B 50 9.07 1.25 -6.67
N MET B 51 10.11 1.81 -7.27
CA MET B 51 11.17 2.50 -6.52
C MET B 51 11.91 3.38 -7.49
N VAL B 52 12.78 4.23 -6.94
CA VAL B 52 13.70 5.03 -7.69
C VAL B 52 15.01 4.27 -7.76
N LEU B 53 15.55 4.05 -8.95
CA LEU B 53 16.93 3.54 -9.08
C LEU B 53 17.98 4.60 -8.71
N ARG B 54 18.72 4.35 -7.63
CA ARG B 54 19.91 5.16 -7.28
C ARG B 54 21.17 4.75 -8.04
N GLN B 55 21.16 3.54 -8.59
CA GLN B 55 22.26 3.02 -9.39
C GLN B 55 21.74 2.61 -10.76
N SER B 56 22.66 2.44 -11.72
CA SER B 56 22.34 1.79 -12.98
C SER B 56 22.12 0.29 -12.79
N ILE B 57 21.24 -0.27 -13.62
CA ILE B 57 21.00 -1.69 -13.69
C ILE B 57 21.28 -2.26 -15.09
N LYS B 58 22.40 -1.82 -15.66
CA LYS B 58 23.11 -2.55 -16.70
C LYS B 58 23.16 -4.00 -16.36
N GLU B 59 23.70 -4.29 -15.18
CA GLU B 59 23.63 -5.63 -14.61
C GLU B 59 22.87 -5.64 -13.28
N LEU B 60 22.19 -6.76 -13.00
CA LEU B 60 21.40 -6.91 -11.79
C LEU B 60 21.44 -8.34 -11.29
N TYR B 61 21.76 -8.47 -10.00
CA TYR B 61 21.87 -9.75 -9.29
C TYR B 61 20.99 -9.73 -8.01
N ALA B 62 20.18 -10.76 -7.85
CA ALA B 62 19.34 -10.93 -6.66
C ALA B 62 20.12 -11.88 -5.80
N LYS B 63 20.38 -11.49 -4.56
CA LYS B 63 20.69 -12.46 -3.47
C LYS B 63 19.50 -12.62 -2.50
N VAL B 64 19.01 -13.84 -2.35
CA VAL B 64 17.87 -14.14 -1.47
C VAL B 64 18.35 -15.04 -0.31
N ASP B 65 18.32 -14.59 0.93
CA ASP B 65 18.62 -15.45 2.08
C ASP B 65 17.37 -15.79 2.86
N LEU B 66 17.27 -17.00 3.39
CA LEU B 66 16.16 -17.38 4.27
C LEU B 66 16.70 -17.59 5.69
N ILE B 67 16.09 -16.94 6.66
CA ILE B 67 16.55 -16.99 8.03
C ILE B 67 15.42 -17.53 8.91
N ILE B 68 15.72 -18.62 9.63
CA ILE B 68 14.82 -19.29 10.56
C ILE B 68 15.53 -19.36 11.89
N ASN B 69 14.82 -18.98 12.97
CA ASN B 69 15.33 -19.04 14.35
C ASN B 69 16.67 -18.26 14.52
N GLY B 70 16.82 -17.21 13.68
CA GLY B 70 18.02 -16.35 13.65
C GLY B 70 19.21 -16.84 12.84
N LYS B 71 19.07 -18.06 12.28
CA LYS B 71 20.13 -18.71 11.49
C LYS B 71 19.81 -18.69 9.98
N THR B 72 20.84 -18.38 9.19
CA THR B 72 20.68 -18.29 7.75
C THR B 72 20.76 -19.70 7.24
N VAL B 73 19.62 -20.27 6.90
CA VAL B 73 19.58 -21.68 6.48
C VAL B 73 19.66 -21.93 5.00
N LEU B 74 19.47 -20.87 4.19
CA LEU B 74 19.56 -20.95 2.72
C LEU B 74 20.06 -19.61 2.16
N SER B 75 20.93 -19.70 1.19
CA SER B 75 21.34 -18.52 0.48
C SER B 75 21.35 -18.82 -0.99
N TYR B 76 20.80 -17.92 -1.80
CA TYR B 76 20.57 -18.18 -3.24
C TYR B 76 20.89 -16.91 -4.04
N SER B 77 21.63 -17.12 -5.15
CA SER B 77 21.99 -16.06 -6.09
C SER B 77 21.57 -16.28 -7.57
N GLU B 78 20.91 -15.26 -8.13
CA GLU B 78 20.39 -15.25 -9.50
C GLU B 78 20.77 -13.94 -10.21
N THR B 79 21.26 -14.05 -11.43
CA THR B 79 21.43 -12.94 -12.29
C THR B 79 20.11 -12.66 -12.96
N LEU B 80 19.68 -11.42 -12.85
CA LEU B 80 18.42 -10.96 -13.44
C LEU B 80 18.63 -10.09 -14.72
N CYS B 81 19.70 -9.27 -14.75
CA CYS B 81 20.22 -8.65 -15.99
C CYS B 81 21.73 -8.78 -16.12
N GLY B 82 22.15 -8.79 -17.39
CA GLY B 82 23.47 -9.17 -17.74
C GLY B 82 23.59 -9.35 -19.23
N PRO B 83 24.82 -9.61 -19.70
CA PRO B 83 25.01 -10.02 -21.09
C PRO B 83 24.51 -11.44 -21.33
N GLY B 84 23.52 -11.56 -22.20
CA GLY B 84 22.88 -12.85 -22.48
C GLY B 84 21.97 -13.46 -21.42
N LEU B 85 21.71 -12.77 -20.29
CA LEU B 85 21.05 -13.42 -19.16
C LEU B 85 19.98 -12.53 -18.59
N SER B 86 19.35 -11.72 -19.46
CA SER B 86 18.39 -10.68 -19.01
C SER B 86 16.89 -11.11 -18.92
N LYS B 87 16.26 -10.77 -17.81
CA LYS B 87 15.06 -11.47 -17.29
C LYS B 87 13.97 -10.46 -16.89
N LEU B 88 14.16 -9.19 -17.27
CA LEU B 88 13.30 -8.09 -16.82
C LEU B 88 13.30 -7.00 -17.88
N ILE B 89 12.14 -6.58 -18.32
CA ILE B 89 12.14 -5.75 -19.51
C ILE B 89 12.80 -4.42 -19.18
N PHE B 90 12.84 -4.11 -17.90
CA PHE B 90 13.42 -2.87 -17.41
C PHE B 90 14.93 -2.95 -17.01
N CYS B 91 15.59 -4.10 -17.27
CA CYS B 91 17.04 -4.15 -17.47
C CYS B 91 17.50 -3.04 -18.44
N GLY B 92 18.69 -2.48 -18.19
CA GLY B 92 19.18 -1.34 -18.95
C GLY B 92 18.80 0.03 -18.43
N LYS B 93 17.81 0.12 -17.53
CA LYS B 93 17.43 1.44 -16.96
C LYS B 93 18.67 2.09 -16.35
N LYS B 94 18.84 3.37 -16.65
CA LYS B 94 19.94 4.20 -16.14
C LYS B 94 19.65 4.63 -14.69
N LYS B 95 20.65 5.26 -14.08
CA LYS B 95 20.57 5.86 -12.74
C LYS B 95 19.55 7.02 -12.69
N GLY B 96 18.67 6.99 -11.69
CA GLY B 96 17.63 8.00 -11.52
C GLY B 96 16.29 7.71 -12.18
N GLU B 97 16.15 6.56 -12.83
CA GLU B 97 14.83 6.22 -13.38
C GLU B 97 13.92 5.66 -12.31
N HIS B 98 12.64 5.94 -12.46
CA HIS B 98 11.63 5.37 -11.62
C HIS B 98 11.25 4.02 -12.21
N LEU B 99 11.82 2.95 -11.65
CA LEU B 99 11.39 1.55 -11.87
C LEU B 99 9.90 1.30 -11.49
N TYR B 100 9.21 0.53 -12.33
CA TYR B 100 7.92 -0.09 -12.00
C TYR B 100 7.85 -1.53 -12.50
N TYR B 101 7.38 -2.41 -11.62
CA TYR B 101 7.01 -3.76 -12.00
C TYR B 101 5.56 -4.08 -11.59
N GLU B 102 4.79 -4.68 -12.48
CA GLU B 102 3.64 -5.45 -12.07
C GLU B 102 3.52 -6.67 -12.97
N GLY B 103 3.43 -7.83 -12.34
CA GLY B 103 3.74 -9.07 -13.01
C GLY B 103 3.90 -10.17 -12.00
N PRO B 104 4.03 -11.43 -12.48
CA PRO B 104 4.27 -12.56 -11.60
C PRO B 104 5.72 -12.63 -11.19
N ILE B 105 5.95 -12.92 -9.91
CA ILE B 105 7.04 -13.81 -9.56
C ILE B 105 6.65 -15.26 -9.88
N THR B 106 7.37 -15.88 -10.81
CA THR B 106 7.34 -17.32 -10.92
C THR B 106 8.40 -17.97 -10.03
N LEU B 107 8.56 -19.28 -10.14
CA LEU B 107 9.06 -20.09 -9.05
C LEU B 107 9.27 -21.54 -9.52
N GLY B 108 10.54 -21.91 -9.69
CA GLY B 108 10.97 -23.31 -9.57
C GLY B 108 10.56 -24.01 -8.28
N ILE B 109 10.62 -23.31 -7.14
CA ILE B 109 9.91 -23.77 -5.92
C ILE B 109 8.40 -23.69 -6.17
N LYS B 110 7.67 -24.73 -5.74
CA LYS B 110 6.19 -24.84 -5.95
C LYS B 110 5.39 -24.00 -4.95
N GLU B 111 6.10 -23.36 -4.00
CA GLU B 111 5.52 -22.58 -2.93
C GLU B 111 6.69 -22.05 -2.06
N ILE B 112 6.53 -20.84 -1.50
CA ILE B 112 7.43 -20.37 -0.42
C ILE B 112 7.28 -21.22 0.85
N PRO B 113 8.31 -21.25 1.71
CA PRO B 113 8.19 -22.04 2.94
C PRO B 113 7.02 -21.70 3.86
N GLN B 114 6.68 -22.68 4.69
CA GLN B 114 5.68 -22.56 5.73
C GLN B 114 6.24 -21.96 7.04
N ARG B 115 5.33 -21.40 7.83
CA ARG B 115 5.56 -20.97 9.22
C ARG B 115 6.35 -19.67 9.26
N ASP B 116 7.28 -19.52 10.24
CA ASP B 116 7.79 -18.21 10.64
C ASP B 116 9.24 -18.10 10.19
N TYR B 117 9.53 -17.13 9.34
CA TYR B 117 10.91 -16.86 8.94
C TYR B 117 11.04 -15.44 8.37
N THR B 118 12.27 -15.05 8.13
CA THR B 118 12.61 -13.85 7.38
C THR B 118 13.35 -14.19 6.06
N ILE B 119 12.98 -13.52 4.97
CA ILE B 119 13.71 -13.62 3.72
C ILE B 119 14.31 -12.25 3.50
N THR B 120 15.64 -12.17 3.50
CA THR B 120 16.37 -11.00 3.02
C THR B 120 16.61 -11.12 1.51
N ALA B 121 16.12 -10.13 0.78
CA ALA B 121 16.22 -10.09 -0.67
C ALA B 121 16.99 -8.82 -1.06
N ARG B 122 18.21 -9.00 -1.56
CA ARG B 122 19.08 -7.90 -1.94
C ARG B 122 19.37 -7.87 -3.45
N LEU B 123 19.06 -6.77 -4.09
CA LEU B 123 19.48 -6.54 -5.46
C LEU B 123 20.74 -5.64 -5.52
N THR B 124 21.75 -6.07 -6.28
CA THR B 124 22.97 -5.31 -6.49
C THR B 124 23.30 -5.23 -7.98
N ASN B 125 24.24 -4.39 -8.36
CA ASN B 125 24.43 -4.12 -9.81
C ASN B 125 25.79 -4.51 -10.34
N GLU B 126 26.13 -4.05 -11.56
CA GLU B 126 27.47 -4.29 -12.13
C GLU B 126 28.58 -4.04 -11.13
N ASP B 127 28.46 -2.98 -10.32
CA ASP B 127 29.53 -2.59 -9.41
C ASP B 127 29.33 -3.17 -8.02
N ARG B 128 28.36 -4.06 -7.83
CA ARG B 128 28.10 -4.62 -6.50
C ARG B 128 27.35 -3.64 -5.58
N ALA B 129 26.90 -2.50 -6.11
CA ALA B 129 26.22 -1.49 -5.31
C ALA B 129 24.80 -1.97 -5.06
N THR B 130 24.26 -1.60 -3.92
CA THR B 130 22.92 -2.02 -3.52
C THR B 130 21.91 -1.17 -4.27
N VAL B 131 21.10 -1.81 -5.12
CA VAL B 131 20.02 -1.16 -5.83
C VAL B 131 18.76 -1.18 -4.96
N ALA B 132 18.47 -2.34 -4.36
CA ALA B 132 17.33 -2.52 -3.44
C ALA B 132 17.64 -3.61 -2.43
N CYS B 133 17.07 -3.51 -1.25
CA CYS B 133 17.23 -4.50 -0.18
C CYS B 133 15.92 -4.54 0.65
N ALA B 134 15.34 -5.72 0.87
CA ALA B 134 14.15 -5.88 1.72
C ALA B 134 14.41 -7.04 2.68
N ASP B 135 14.02 -6.84 3.95
CA ASP B 135 13.73 -7.91 4.93
C ASP B 135 12.24 -8.16 4.92
N PHE B 136 11.84 -9.27 4.31
CA PHE B 136 10.49 -9.76 4.45
C PHE B 136 10.35 -10.64 5.70
N THR B 137 9.30 -10.37 6.47
CA THR B 137 8.86 -11.23 7.57
C THR B 137 7.66 -12.02 7.12
N VAL B 138 7.79 -13.34 7.15
CA VAL B 138 6.73 -14.25 6.75
C VAL B 138 6.22 -15.04 7.99
N LYS B 139 4.89 -15.05 8.15
CA LYS B 139 4.22 -16.06 8.95
C LYS B 139 3.14 -16.74 8.10
N ASN B 140 3.48 -17.92 7.60
CA ASN B 140 2.67 -18.63 6.65
C ASN B 140 2.15 -19.95 7.22
N TYR B 141 0.87 -19.96 7.57
CA TYR B 141 0.13 -21.14 8.04
C TYR B 141 -1.05 -21.48 7.12
N LEU B 142 -0.95 -21.12 5.84
CA LEU B 142 -2.10 -21.25 4.94
C LEU B 142 -2.48 -22.73 4.62
C1 LP4 C . -1.05 12.90 -5.73
C2 LP4 C . -1.76 11.88 -4.79
N2 LP4 C . -2.64 12.56 -3.81
C3 LP4 C . -0.76 10.97 -4.10
O3 LP4 C . -1.57 9.98 -3.44
C4 LP4 C . 0.06 10.23 -5.14
O4 LP4 C . 1.06 9.53 -4.46
C5 LP4 C . 0.75 11.17 -6.13
O5 LP4 C . -0.03 12.31 -6.64
C6 LP4 C . 1.17 10.18 -7.26
O6 LP4 C . 0.19 10.13 -8.30
C7 LP4 C . -3.97 12.50 -3.94
O7 LP4 C . -4.52 11.79 -4.79
C8 LP4 C . -4.80 13.21 -2.85
C16 LP4 C . -6.29 12.83 -3.03
C17 LP4 C . -6.92 12.50 -1.70
C18 LP4 C . -8.40 12.13 -1.90
C19 LP4 C . -8.80 10.95 -1.01
C20 LP4 C . -9.77 10.01 -1.74
C21 LP4 C . -10.90 9.67 -0.79
C22 LP4 C . -10.38 8.78 0.33
C23 LP4 C . -10.97 9.19 1.68
C24 LP4 C . -9.88 9.55 2.69
C25 LP4 C . -10.39 9.36 4.12
C28 LP4 C . -1.30 9.92 -2.09
C29 LP4 C . -2.51 9.72 -1.09
C30 LP4 C . -3.61 8.83 -1.73
C31 LP4 C . -4.23 7.87 -0.69
C32 LP4 C . -5.75 7.68 -0.81
C33 LP4 C . -6.33 7.09 0.50
C34 LP4 C . -6.54 5.58 0.41
C35 LP4 C . -7.95 5.18 0.90
C36 LP4 C . -7.96 4.40 2.24
C37 LP4 C . -9.41 4.23 2.81
C38 LP4 C . -10.10 5.58 3.15
C39 LP4 C . -11.56 5.43 3.61
C40 LP4 C . -12.63 6.04 2.66
C41 LP4 C . -14.06 5.48 2.95
O42 LP4 C . -0.12 9.89 -1.71
O43 LP4 C . -4.64 9.61 -2.40
O44 LP4 C . -7.08 13.86 -3.68
P45 LP4 C . 1.20 7.96 -4.37
O46 LP4 C . 0.86 7.35 -5.80
O47 LP4 C . 0.06 7.34 -3.39
O48 LP4 C . 2.52 7.64 -3.82
O48 LP5 D . -4.72 16.42 -11.93
P45 LP5 D . -3.46 16.44 -11.13
O46 LP5 D . -2.43 15.17 -11.42
O47 LP5 D . -2.54 17.76 -11.34
O1 LP5 D . -3.87 16.40 -9.55
C1 LP5 D . -4.60 15.29 -9.02
C2 LP5 D . -5.85 15.73 -8.27
N2 LP5 D . -6.53 16.67 -9.16
C7 LP5 D . -7.71 16.37 -9.71
C8 LP5 D . -8.35 17.42 -10.65
C16 LP5 D . -7.75 18.82 -10.53
O44 LP5 D . -6.32 18.71 -10.60
C17 LP5 D . -8.08 19.48 -9.19
C18 LP5 D . -9.59 19.63 -8.92
C19 LP5 D . -9.84 20.60 -7.73
C20 LP5 D . -10.08 19.83 -6.43
C21 LP5 D . -10.70 20.73 -5.34
C22 LP5 D . -11.39 19.86 -4.27
C23 LP5 D . -11.10 20.29 -2.81
C24 LP5 D . -11.82 19.32 -1.84
C25 LP5 D . -12.10 19.89 -0.44
C26 LP5 D . -13.40 19.26 0.14
C27 LP5 D . -13.09 18.13 1.14
O7 LP5 D . -8.30 15.34 -9.44
C3 LP5 D . -5.51 16.48 -6.96
C4 LP5 D . -4.25 15.90 -6.28
C5 LP5 D . -3.10 15.65 -7.28
O5 LP5 D . -3.66 14.68 -8.17
C6 LP5 D . -1.84 14.99 -6.64
O6 LP5 D . -2.10 13.59 -6.44
O4 LP5 D . -3.79 16.77 -5.24
O3 LP5 D . -6.72 16.64 -6.07
C28 LP5 D . -6.60 17.67 -5.14
O42 LP5 D . -6.52 18.85 -5.51
C29 LP5 D . -6.62 17.36 -3.62
C30 LP5 D . -7.90 16.61 -3.29
O43 LP5 D . -8.98 17.26 -3.96
C31 LP5 D . -8.11 16.54 -1.77
C32 LP5 D . -9.61 16.62 -1.32
C33 LP5 D . -10.11 15.33 -0.66
C34 LP5 D . -10.49 15.52 0.81
C35 LP5 D . -10.53 14.14 1.49
C36 LP5 D . -10.32 14.19 3.03
C37 LP5 D . -11.03 12.96 3.64
C38 LP5 D . -10.68 12.76 5.13
C39 LP5 D . -11.47 13.74 5.99
C40 LP5 D . -11.28 13.45 7.47
C41 LP5 D . -12.54 13.90 8.19
C1 GOL E . -13.45 -3.19 12.43
O1 GOL E . -13.60 -3.41 11.04
C2 GOL E . -13.86 -1.78 12.85
O2 GOL E . -14.62 -1.85 14.04
C3 GOL E . -12.67 -0.88 13.17
O3 GOL E . -13.09 0.31 13.82
C1 LP4 F . 12.23 -17.30 -15.38
C2 LP4 F . 12.01 -15.96 -14.66
N2 LP4 F . 11.59 -16.16 -13.24
C3 LP4 F . 11.00 -15.09 -15.38
O3 LP4 F . 11.02 -13.84 -14.66
C4 LP4 F . 11.51 -14.84 -16.80
O4 LP4 F . 10.46 -14.21 -17.49
C5 LP4 F . 11.82 -16.14 -17.57
O5 LP4 F . 12.57 -17.19 -16.83
C6 LP4 F . 12.54 -15.68 -18.85
O6 LP4 F . 13.92 -15.50 -18.61
C7 LP4 F . 12.43 -15.92 -12.25
O7 LP4 F . 13.51 -15.35 -12.45
C8 LP4 F . 11.91 -16.23 -10.84
C16 LP4 F . 13.00 -15.73 -9.82
C17 LP4 F . 12.39 -14.98 -8.64
C18 LP4 F . 13.48 -14.42 -7.71
C19 LP4 F . 13.13 -12.98 -7.29
C20 LP4 F . 14.36 -12.08 -7.21
C21 LP4 F . 14.36 -11.30 -5.91
C22 LP4 F . 13.39 -10.12 -5.96
C23 LP4 F . 12.52 -10.06 -4.70
C24 LP4 F . 11.05 -10.37 -5.00
C25 LP4 F . 10.16 -9.64 -3.98
C28 LP4 F . 9.80 -13.44 -14.18
C29 LP4 F . 9.76 -12.77 -12.76
C30 LP4 F . 11.05 -11.97 -12.44
C31 LP4 F . 10.72 -10.68 -11.69
C32 LP4 F . 11.73 -10.32 -10.56
C33 LP4 F . 11.17 -9.25 -9.63
C34 LP4 F . 11.60 -7.83 -10.01
C35 LP4 F . 12.11 -7.06 -8.79
C36 LP4 F . 11.11 -5.97 -8.29
C37 LP4 F . 11.46 -5.43 -6.86
C38 LP4 F . 11.35 -6.49 -5.72
C39 LP4 F . 11.90 -5.97 -4.36
C40 LP4 F . 13.17 -6.67 -3.82
C41 LP4 F . 13.85 -5.82 -2.71
O42 LP4 F . 8.78 -13.59 -14.87
O43 LP4 F . 11.95 -12.81 -11.65
O44 LP4 F . 13.90 -16.79 -9.37
P45 LP4 F . 10.51 -12.68 -17.92
O46 LP4 F . 11.96 -12.43 -18.56
O47 LP4 F . 10.44 -11.65 -16.69
O48 LP4 F . 9.39 -12.46 -18.87
O48 LP5 G . 18.74 -21.90 -14.48
P45 LP5 G . 17.34 -22.05 -15.03
O46 LP5 G . 16.98 -21.28 -16.47
O47 LP5 G . 16.85 -23.55 -15.26
O1 LP5 G . 16.29 -21.43 -13.95
C1 LP5 G . 16.43 -20.07 -13.51
C2 LP5 G . 16.45 -20.07 -11.99
N2 LP5 G . 17.40 -21.13 -11.64
C7 LP5 G . 18.53 -20.84 -11.02
C8 LP5 G . 19.51 -21.99 -10.71
C16 LP5 G . 18.89 -23.38 -10.63
O44 LP5 G . 18.30 -23.65 -11.90
C17 LP5 G . 17.81 -23.51 -9.53
C18 LP5 G . 18.41 -23.30 -8.12
C19 LP5 G . 17.47 -23.84 -7.01
C20 LP5 G . 16.69 -22.70 -6.35
C21 LP5 G . 16.04 -23.11 -5.03
C22 LP5 G . 15.69 -21.84 -4.24
C23 LP5 G . 14.26 -21.86 -3.66
C24 LP5 G . 14.01 -20.53 -2.94
C25 LP5 G . 13.04 -20.61 -1.77
C26 LP5 G . 13.43 -19.67 -0.60
C27 LP5 G . 12.58 -18.37 -0.60
O7 LP5 G . 18.76 -19.70 -10.63
C3 LP5 G . 15.08 -20.41 -11.38
C4 LP5 G . 13.94 -19.79 -12.19
C5 LP5 G . 14.12 -20.06 -13.68
O5 LP5 G . 15.31 -19.35 -13.99
C6 LP5 G . 12.97 -19.42 -14.49
O6 LP5 G . 13.22 -18.01 -14.59
O4 LP5 G . 12.72 -20.38 -11.78
O3 LP5 G . 15.00 -20.10 -9.94
C28 LP5 G . 13.97 -20.78 -9.29
O42 LP5 G . 14.02 -22.02 -9.24
C29 LP5 G . 12.81 -20.04 -8.57
C30 LP5 G . 13.40 -19.10 -7.53
O43 LP5 G . 14.38 -19.85 -6.80
C31 LP5 G . 12.31 -18.57 -6.62
C32 LP5 G . 12.81 -18.21 -5.20
C33 LP5 G . 12.76 -16.69 -4.88
C34 LP5 G . 11.84 -16.37 -3.70
C35 LP5 G . 11.56 -14.88 -3.68
C36 LP5 G . 10.23 -14.53 -3.02
C37 LP5 G . 10.32 -13.06 -2.54
C38 LP5 G . 8.98 -12.47 -2.12
C39 LP5 G . 8.53 -13.12 -0.80
C40 LP5 G . 7.40 -12.35 -0.19
C41 LP5 G . 7.70 -12.31 1.31
C1 GOL H . 5.42 -3.45 -15.22
O1 GOL H . 6.19 -4.45 -15.82
C2 GOL H . 5.25 -2.27 -16.11
O2 GOL H . 4.16 -1.47 -15.65
C3 GOL H . 4.97 -2.89 -17.45
O3 GOL H . 3.86 -3.74 -17.26
C1 GOL I . 0.79 1.22 3.20
O1 GOL I . 0.39 1.26 1.85
C2 GOL I . 1.74 0.07 3.48
O2 GOL I . 3.02 0.36 2.96
C3 GOL I . 1.88 -0.08 4.98
O3 GOL I . 1.19 -1.21 5.45
#